data_5UTX
#
_entry.id   5UTX
#
_cell.length_a   120.031
_cell.length_b   120.031
_cell.length_c   79.185
_cell.angle_alpha   90.000
_cell.angle_beta   90.000
_cell.angle_gamma   120.000
#
_symmetry.space_group_name_H-M   'P 31 2 1'
#
loop_
_entity.id
_entity.type
_entity.pdbx_description
1 polymer 'Thioredoxin reductase'
2 non-polymer 'PHOSPHATE ION'
3 water water
#
_entity_poly.entity_id   1
_entity_poly.type   'polypeptide(L)'
_entity_poly.pdbx_seq_one_letter_code
;MSDMKHSKLLILGSGPAGYTAAVYAARANLNPVLITGMQQGGQLTTTTEVENWPGDPEGLTGPGLMDRMKEHAERFETEI
IFDHINEVDFSTRPFVLKGDAASYSCDALIISTGASAKYLGLESEEAFKGRGVSACATCDGFFYRNQKVAVVGGGNTAVE
EALYLSNIAAEVHLIHRRDSFRAEKILINRLMDKVQNGNIVLHTDRVLDEVLGDEMGVTGVRLKDVKTGGTEELDVMGAF
IAIGHSPNTQIFQGQLDMKDGYILVKSGLEGNATQTSVEGIFAAGDVMDHNYRQAITSAGTGCMAALDAERYLDSLNDK
;
_entity_poly.pdbx_strand_id   A,B
#
loop_
_chem_comp.id
_chem_comp.type
_chem_comp.name
_chem_comp.formula
PO4 non-polymer 'PHOSPHATE ION' 'O4 P -3'
#
# COMPACT_ATOMS: atom_id res chain seq x y z
N MET A 4 1.24 -32.68 15.71
CA MET A 4 1.50 -31.25 15.58
C MET A 4 0.79 -30.70 14.34
N LYS A 5 -0.08 -29.72 14.55
CA LYS A 5 -0.89 -29.19 13.47
C LYS A 5 -0.01 -28.51 12.41
N HIS A 6 -0.18 -28.92 11.16
CA HIS A 6 0.63 -28.42 10.06
C HIS A 6 -0.23 -27.66 9.07
N SER A 7 0.39 -26.68 8.42
CA SER A 7 -0.25 -25.90 7.36
C SER A 7 0.79 -25.57 6.30
N LYS A 8 0.32 -25.38 5.07
CA LYS A 8 1.24 -24.95 4.02
C LYS A 8 1.68 -23.49 4.23
N LEU A 9 0.82 -22.67 4.83
CA LEU A 9 1.15 -21.29 5.14
C LEU A 9 0.60 -20.94 6.51
N LEU A 10 1.42 -20.29 7.33
CA LEU A 10 1.01 -19.82 8.64
C LEU A 10 1.14 -18.30 8.70
N ILE A 11 0.07 -17.64 9.11
CA ILE A 11 0.07 -16.20 9.33
C ILE A 11 0.13 -15.97 10.84
N LEU A 12 1.12 -15.21 11.28
CA LEU A 12 1.32 -14.89 12.69
C LEU A 12 1.08 -13.39 12.87
N GLY A 13 -0.11 -13.03 13.32
CA GLY A 13 -0.47 -11.64 13.53
C GLY A 13 -1.96 -11.43 13.35
N SER A 14 -2.48 -10.40 14.03
CA SER A 14 -3.91 -10.15 14.08
C SER A 14 -4.26 -8.73 13.62
N GLY A 15 -3.36 -8.06 12.90
CA GLY A 15 -3.61 -6.71 12.47
C GLY A 15 -4.06 -6.63 11.02
N PRO A 16 -4.01 -5.43 10.44
CA PRO A 16 -4.36 -5.31 9.02
C PRO A 16 -3.37 -5.99 8.09
N ALA A 17 -2.12 -6.17 8.53
CA ALA A 17 -1.13 -6.83 7.68
C ALA A 17 -1.43 -8.32 7.55
N GLY A 18 -1.64 -9.00 8.68
CA GLY A 18 -1.88 -10.43 8.63
C GLY A 18 -3.20 -10.80 7.97
N TYR A 19 -4.27 -10.07 8.30
CA TYR A 19 -5.56 -10.39 7.73
C TYR A 19 -5.62 -10.09 6.23
N THR A 20 -4.88 -9.09 5.77
CA THR A 20 -4.79 -8.86 4.33
C THR A 20 -4.00 -9.99 3.66
N ALA A 21 -2.95 -10.47 4.31
CA ALA A 21 -2.24 -11.64 3.79
C ALA A 21 -3.14 -12.86 3.78
N ALA A 22 -3.97 -13.01 4.81
CA ALA A 22 -4.89 -14.14 4.87
C ALA A 22 -5.92 -14.08 3.75
N VAL A 23 -6.40 -12.88 3.42
CA VAL A 23 -7.37 -12.74 2.33
C VAL A 23 -6.74 -13.12 1.01
N TYR A 24 -5.53 -12.60 0.74
CA TYR A 24 -4.87 -12.88 -0.52
C TYR A 24 -4.37 -14.32 -0.60
N ALA A 25 -4.03 -14.93 0.53
CA ALA A 25 -3.62 -16.33 0.52
C ALA A 25 -4.81 -17.25 0.27
N ALA A 26 -5.92 -17.00 0.99
CA ALA A 26 -7.14 -17.76 0.74
C ALA A 26 -7.69 -17.49 -0.65
N ARG A 27 -7.41 -16.30 -1.20
CA ARG A 27 -7.78 -16.00 -2.57
C ARG A 27 -6.97 -16.83 -3.56
N ALA A 28 -5.75 -17.20 -3.20
CA ALA A 28 -4.89 -18.04 -4.03
C ALA A 28 -5.04 -19.52 -3.72
N ASN A 29 -6.09 -19.91 -3.01
CA ASN A 29 -6.36 -21.31 -2.67
C ASN A 29 -5.16 -21.96 -1.98
N LEU A 30 -4.55 -21.23 -1.06
CA LEU A 30 -3.45 -21.75 -0.26
C LEU A 30 -3.89 -22.22 1.11
N ASN A 31 -5.18 -22.04 1.45
CA ASN A 31 -5.78 -22.40 2.73
C ASN A 31 -4.88 -21.99 3.89
N PRO A 32 -4.77 -20.70 4.18
CA PRO A 32 -3.88 -20.26 5.25
C PRO A 32 -4.49 -20.45 6.63
N VAL A 33 -3.61 -20.46 7.63
CA VAL A 33 -3.99 -20.52 9.04
C VAL A 33 -3.41 -19.30 9.72
N LEU A 34 -4.22 -18.63 10.54
CA LEU A 34 -3.84 -17.36 11.15
C LEU A 34 -3.81 -17.52 12.67
N ILE A 35 -2.68 -17.18 13.27
CA ILE A 35 -2.52 -17.17 14.72
C ILE A 35 -2.64 -15.73 15.18
N THR A 36 -3.68 -15.42 15.95
CA THR A 36 -3.96 -14.04 16.32
C THR A 36 -2.83 -13.46 17.17
N GLY A 37 -2.42 -14.18 18.20
CA GLY A 37 -1.46 -13.69 19.18
C GLY A 37 -2.02 -13.54 20.58
N MET A 38 -3.34 -13.58 20.74
CA MET A 38 -3.98 -13.55 22.04
C MET A 38 -5.05 -14.62 22.10
N GLN A 39 -5.48 -14.95 23.31
CA GLN A 39 -6.36 -16.08 23.57
C GLN A 39 -7.76 -15.58 23.91
N GLN A 40 -8.71 -15.82 23.00
CA GLN A 40 -10.11 -15.50 23.23
C GLN A 40 -11.01 -16.63 22.72
N VAL A 50 -19.77 -0.72 23.46
CA VAL A 50 -19.44 -2.09 23.11
C VAL A 50 -18.88 -2.16 21.69
N GLU A 51 -19.25 -1.20 20.85
CA GLU A 51 -18.72 -1.14 19.49
C GLU A 51 -18.79 0.30 18.99
N ASN A 52 -18.16 0.51 17.83
CA ASN A 52 -18.02 1.82 17.23
C ASN A 52 -18.55 1.81 15.81
N TRP A 53 -19.11 2.95 15.37
CA TRP A 53 -19.74 3.09 14.07
C TRP A 53 -20.06 4.56 13.84
N PRO A 54 -19.97 5.08 12.60
CA PRO A 54 -19.58 4.44 11.34
C PRO A 54 -18.07 4.30 11.14
N GLY A 55 -17.31 5.25 11.66
CA GLY A 55 -15.87 5.25 11.47
C GLY A 55 -15.44 6.12 10.31
N ASP A 56 -14.15 6.03 10.01
CA ASP A 56 -13.53 6.84 8.97
C ASP A 56 -14.13 6.51 7.60
N PRO A 57 -14.72 7.48 6.91
CA PRO A 57 -15.27 7.19 5.57
C PRO A 57 -14.24 6.72 4.57
N GLU A 58 -12.98 7.12 4.73
CA GLU A 58 -11.92 6.73 3.81
C GLU A 58 -11.26 5.41 4.20
N GLY A 59 -11.55 4.88 5.38
CA GLY A 59 -10.99 3.60 5.79
C GLY A 59 -9.49 3.60 5.97
N LEU A 60 -8.92 4.74 6.38
CA LEU A 60 -7.47 4.88 6.53
C LEU A 60 -7.03 4.91 7.99
N THR A 61 -7.82 5.50 8.87
CA THR A 61 -7.56 5.44 10.30
C THR A 61 -8.66 4.62 10.98
N GLY A 62 -8.43 4.33 12.26
CA GLY A 62 -9.33 3.49 13.02
C GLY A 62 -9.17 2.03 12.63
N PRO A 63 -10.05 1.18 13.16
CA PRO A 63 -9.97 -0.26 12.85
C PRO A 63 -10.74 -0.71 11.61
N GLY A 64 -11.20 0.24 10.79
CA GLY A 64 -12.07 -0.14 9.68
C GLY A 64 -11.44 -1.12 8.72
N LEU A 65 -10.24 -0.80 8.22
CA LEU A 65 -9.57 -1.66 7.25
C LEU A 65 -9.32 -3.05 7.83
N MET A 66 -8.90 -3.12 9.09
CA MET A 66 -8.67 -4.42 9.72
C MET A 66 -9.96 -5.20 9.88
N ASP A 67 -11.09 -4.52 10.13
CA ASP A 67 -12.35 -5.24 10.34
C ASP A 67 -12.91 -5.77 9.04
N ARG A 68 -12.72 -5.05 7.93
CA ARG A 68 -13.15 -5.58 6.63
C ARG A 68 -12.37 -6.83 6.27
N MET A 69 -11.05 -6.78 6.40
CA MET A 69 -10.20 -7.91 6.03
C MET A 69 -10.54 -9.15 6.85
N LYS A 70 -10.64 -8.98 8.18
CA LYS A 70 -10.99 -10.11 9.04
C LYS A 70 -12.32 -10.73 8.62
N GLU A 71 -13.29 -9.90 8.23
CA GLU A 71 -14.57 -10.43 7.77
C GLU A 71 -14.44 -11.04 6.38
N HIS A 72 -13.58 -10.48 5.52
CA HIS A 72 -13.32 -11.11 4.23
C HIS A 72 -12.58 -12.43 4.40
N ALA A 73 -11.68 -12.51 5.38
CA ALA A 73 -10.93 -13.74 5.58
C ALA A 73 -11.82 -14.85 6.13
N GLU A 74 -12.66 -14.52 7.12
CA GLU A 74 -13.58 -15.52 7.64
C GLU A 74 -14.60 -15.95 6.58
N ARG A 75 -15.01 -15.01 5.71
CA ARG A 75 -15.92 -15.35 4.63
C ARG A 75 -15.26 -16.27 3.60
N PHE A 76 -13.94 -16.33 3.56
CA PHE A 76 -13.21 -17.25 2.70
C PHE A 76 -12.71 -18.48 3.44
N GLU A 77 -13.30 -18.78 4.60
CA GLU A 77 -12.98 -19.98 5.38
C GLU A 77 -11.51 -20.03 5.75
N THR A 78 -11.03 -18.96 6.38
CA THR A 78 -9.68 -18.89 6.91
C THR A 78 -9.69 -19.40 8.35
N GLU A 79 -8.87 -20.41 8.63
CA GLU A 79 -8.81 -20.97 9.98
C GLU A 79 -8.07 -20.00 10.88
N ILE A 80 -8.77 -19.43 11.85
CA ILE A 80 -8.21 -18.47 12.80
C ILE A 80 -8.02 -19.18 14.14
N ILE A 81 -6.82 -19.08 14.70
CA ILE A 81 -6.46 -19.76 15.93
C ILE A 81 -6.06 -18.71 16.96
N PHE A 82 -6.71 -18.73 18.12
CA PHE A 82 -6.38 -17.85 19.22
C PHE A 82 -5.32 -18.52 20.07
N ASP A 83 -4.07 -18.07 19.92
CA ASP A 83 -2.96 -18.65 20.65
C ASP A 83 -1.80 -17.68 20.66
N HIS A 84 -0.93 -17.84 21.65
CA HIS A 84 0.31 -17.06 21.75
C HIS A 84 1.50 -17.99 21.53
N ILE A 85 2.49 -17.51 20.80
CA ILE A 85 3.63 -18.34 20.41
C ILE A 85 4.74 -18.20 21.45
N ASN A 86 5.08 -19.31 22.11
CA ASN A 86 6.13 -19.30 23.11
C ASN A 86 7.51 -19.13 22.47
N GLU A 87 7.82 -19.96 21.49
CA GLU A 87 9.11 -19.93 20.83
C GLU A 87 8.98 -20.54 19.45
N VAL A 88 10.05 -20.42 18.66
CA VAL A 88 10.06 -20.86 17.28
C VAL A 88 11.35 -21.61 16.99
N ASP A 89 11.33 -22.42 15.93
CA ASP A 89 12.51 -23.08 15.41
C ASP A 89 12.53 -22.90 13.90
N PHE A 90 13.44 -22.08 13.41
CA PHE A 90 13.58 -21.80 11.98
C PHE A 90 14.78 -22.49 11.37
N SER A 91 15.50 -23.30 12.14
CA SER A 91 16.64 -24.03 11.60
C SER A 91 16.19 -25.19 10.73
N THR A 92 15.23 -25.98 11.22
CA THR A 92 14.76 -27.17 10.53
C THR A 92 13.49 -26.86 9.74
N ARG A 93 13.34 -27.54 8.60
CA ARG A 93 12.19 -27.43 7.72
C ARG A 93 11.34 -28.69 7.83
N PRO A 94 10.01 -28.58 8.03
CA PRO A 94 9.21 -27.36 8.18
C PRO A 94 9.45 -26.63 9.50
N PHE A 95 9.03 -25.37 9.57
CA PHE A 95 9.27 -24.54 10.75
C PHE A 95 8.35 -24.96 11.88
N VAL A 96 8.88 -24.91 13.10
CA VAL A 96 8.13 -25.28 14.30
C VAL A 96 7.80 -24.00 15.06
N LEU A 97 6.50 -23.72 15.22
CA LEU A 97 6.02 -22.61 16.04
C LEU A 97 5.43 -23.20 17.31
N LYS A 98 6.16 -23.07 18.41
CA LYS A 98 5.71 -23.58 19.71
C LYS A 98 4.79 -22.55 20.34
N GLY A 99 3.52 -22.88 20.48
CA GLY A 99 2.51 -21.98 20.98
C GLY A 99 2.26 -22.13 22.47
N ASP A 100 1.11 -21.60 22.90
CA ASP A 100 0.71 -21.65 24.30
C ASP A 100 -0.29 -22.76 24.59
N ALA A 101 -1.06 -23.18 23.60
CA ALA A 101 -1.96 -24.33 23.72
C ALA A 101 -1.46 -25.54 22.96
N ALA A 102 -1.07 -25.37 21.69
CA ALA A 102 -0.52 -26.42 20.86
C ALA A 102 0.68 -25.87 20.09
N SER A 103 1.37 -26.76 19.38
CA SER A 103 2.44 -26.37 18.48
C SER A 103 1.94 -26.43 17.03
N TYR A 104 2.66 -25.72 16.16
CA TYR A 104 2.24 -25.56 14.77
C TYR A 104 3.46 -25.68 13.87
N SER A 105 3.23 -26.24 12.68
CA SER A 105 4.28 -26.39 11.67
C SER A 105 3.79 -25.82 10.35
N CYS A 106 4.74 -25.30 9.56
CA CYS A 106 4.40 -24.68 8.29
C CYS A 106 5.58 -24.77 7.33
N ASP A 107 5.27 -24.72 6.04
CA ASP A 107 6.29 -24.69 4.99
C ASP A 107 6.71 -23.25 4.67
N ALA A 108 5.76 -22.32 4.67
CA ALA A 108 6.03 -20.90 4.56
C ALA A 108 5.43 -20.19 5.76
N LEU A 109 6.06 -19.09 6.17
CA LEU A 109 5.63 -18.34 7.34
C LEU A 109 5.55 -16.86 6.98
N ILE A 110 4.45 -16.21 7.37
CA ILE A 110 4.28 -14.78 7.22
C ILE A 110 4.20 -14.18 8.62
N ILE A 111 5.14 -13.31 8.95
CA ILE A 111 5.25 -12.72 10.27
C ILE A 111 4.71 -11.30 10.22
N SER A 112 3.58 -11.07 10.89
CA SER A 112 2.99 -9.74 11.02
C SER A 112 2.62 -9.50 12.48
N THR A 113 3.60 -9.65 13.36
CA THR A 113 3.38 -9.56 14.80
C THR A 113 3.20 -8.12 15.28
N GLY A 114 3.41 -7.14 14.42
CA GLY A 114 3.20 -5.75 14.79
C GLY A 114 4.32 -5.16 15.61
N ALA A 115 4.21 -3.86 15.86
CA ALA A 115 5.14 -3.11 16.71
C ALA A 115 4.28 -2.15 17.53
N SER A 116 3.79 -2.64 18.67
CA SER A 116 2.83 -1.87 19.47
C SER A 116 3.46 -0.59 19.99
N ALA A 117 2.67 0.48 20.00
CA ALA A 117 3.15 1.73 20.57
C ALA A 117 3.17 1.64 22.09
N LYS A 118 4.17 2.27 22.68
CA LYS A 118 4.28 2.31 24.14
C LYS A 118 3.31 3.33 24.70
N TYR A 119 2.69 2.99 25.83
CA TYR A 119 1.78 3.88 26.52
C TYR A 119 2.26 4.10 27.95
N LEU A 120 1.77 5.18 28.55
CA LEU A 120 2.20 5.56 29.89
C LEU A 120 1.63 4.65 30.96
N GLY A 121 0.47 4.03 30.70
CA GLY A 121 -0.15 3.16 31.66
C GLY A 121 -1.15 3.80 32.58
N LEU A 122 -1.64 5.00 32.24
CA LEU A 122 -2.64 5.67 33.05
C LEU A 122 -4.02 5.08 32.79
N GLU A 123 -4.84 5.04 33.84
CA GLU A 123 -6.22 4.57 33.69
C GLU A 123 -7.00 5.49 32.75
N SER A 124 -6.87 6.80 32.95
CA SER A 124 -7.56 7.75 32.08
C SER A 124 -7.00 7.71 30.66
N GLU A 125 -5.70 7.45 30.52
CA GLU A 125 -5.10 7.29 29.19
C GLU A 125 -5.77 6.14 28.44
N GLU A 126 -5.93 4.99 29.09
CA GLU A 126 -6.62 3.86 28.49
C GLU A 126 -8.09 4.18 28.22
N ALA A 127 -8.72 4.99 29.06
CA ALA A 127 -10.14 5.27 28.91
C ALA A 127 -10.43 6.09 27.66
N PHE A 128 -9.46 6.86 27.19
CA PHE A 128 -9.66 7.76 26.06
C PHE A 128 -8.92 7.31 24.80
N LYS A 129 -8.42 6.08 24.79
CA LYS A 129 -7.80 5.54 23.57
C LYS A 129 -8.83 5.45 22.45
N GLY A 130 -8.53 6.07 21.32
CA GLY A 130 -9.46 6.14 20.21
C GLY A 130 -10.52 7.21 20.35
N ARG A 131 -10.61 7.86 21.50
CA ARG A 131 -11.57 8.93 21.76
C ARG A 131 -10.85 10.22 22.10
N GLY A 132 -9.68 10.43 21.48
CA GLY A 132 -8.88 11.62 21.68
C GLY A 132 -7.47 11.36 22.17
N VAL A 133 -7.20 10.18 22.71
CA VAL A 133 -5.84 9.76 23.00
C VAL A 133 -5.36 8.88 21.86
N SER A 134 -4.24 9.26 21.26
CA SER A 134 -3.69 8.54 20.12
C SER A 134 -2.19 8.41 20.28
N ALA A 135 -1.60 7.49 19.51
CA ALA A 135 -0.16 7.30 19.47
C ALA A 135 0.38 7.44 18.06
N CYS A 136 -0.42 7.99 17.14
CA CYS A 136 -0.03 8.13 15.74
C CYS A 136 -0.61 9.44 15.24
N ALA A 137 0.22 10.48 15.15
CA ALA A 137 -0.23 11.78 14.67
C ALA A 137 -0.62 11.72 13.19
N THR A 138 0.10 10.93 12.39
CA THR A 138 -0.24 10.79 10.98
C THR A 138 -1.53 10.02 10.78
N CYS A 139 -2.01 9.31 11.80
CA CYS A 139 -3.29 8.61 11.70
C CYS A 139 -4.46 9.48 12.12
N ASP A 140 -4.29 10.32 13.14
CA ASP A 140 -5.39 11.03 13.76
C ASP A 140 -5.21 12.54 13.83
N GLY A 141 -4.10 13.08 13.33
CA GLY A 141 -3.84 14.50 13.49
C GLY A 141 -4.84 15.39 12.76
N PHE A 142 -5.47 14.86 11.70
CA PHE A 142 -6.34 15.70 10.88
C PHE A 142 -7.65 16.05 11.59
N PHE A 143 -8.00 15.35 12.66
CA PHE A 143 -9.17 15.71 13.44
C PHE A 143 -9.00 17.01 14.22
N TYR A 144 -7.82 17.63 14.17
CA TYR A 144 -7.51 18.75 15.07
C TYR A 144 -6.96 19.94 14.30
N ARG A 145 -7.45 20.15 13.08
CA ARG A 145 -7.11 21.34 12.32
C ARG A 145 -7.49 22.59 13.10
N ASN A 146 -6.50 23.47 13.30
CA ASN A 146 -6.71 24.77 13.95
C ASN A 146 -7.25 24.61 15.37
N GLN A 147 -6.70 23.64 16.11
CA GLN A 147 -7.07 23.40 17.50
C GLN A 147 -5.80 23.17 18.32
N LYS A 148 -5.99 23.00 19.62
CA LYS A 148 -4.89 22.77 20.54
C LYS A 148 -4.75 21.28 20.80
N VAL A 149 -3.52 20.77 20.72
CA VAL A 149 -3.24 19.37 20.98
C VAL A 149 -2.02 19.27 21.90
N ALA A 150 -1.90 18.11 22.54
CA ALA A 150 -0.77 17.80 23.40
C ALA A 150 -0.01 16.61 22.84
N VAL A 151 1.31 16.65 22.97
CA VAL A 151 2.19 15.54 22.60
C VAL A 151 3.06 15.22 23.80
N VAL A 152 3.01 13.96 24.24
CA VAL A 152 3.75 13.50 25.41
C VAL A 152 4.95 12.68 24.92
N GLY A 153 6.14 13.08 25.34
CA GLY A 153 7.36 12.40 24.93
C GLY A 153 8.52 13.36 24.92
N GLY A 154 9.72 12.79 25.02
CA GLY A 154 10.93 13.61 25.05
C GLY A 154 12.01 13.12 24.13
N GLY A 155 11.68 12.17 23.26
CA GLY A 155 12.61 11.58 22.33
C GLY A 155 12.33 11.96 20.89
N ASN A 156 12.91 11.18 19.98
CA ASN A 156 12.84 11.51 18.56
C ASN A 156 11.44 11.32 17.99
N THR A 157 10.68 10.37 18.53
CA THR A 157 9.31 10.15 18.04
C THR A 157 8.42 11.35 18.37
N ALA A 158 8.51 11.87 19.59
CA ALA A 158 7.67 13.00 19.99
C ALA A 158 8.00 14.23 19.16
N VAL A 159 9.29 14.48 18.90
CA VAL A 159 9.68 15.62 18.08
C VAL A 159 9.13 15.47 16.67
N GLU A 160 9.16 14.25 16.12
CA GLU A 160 8.57 14.00 14.82
C GLU A 160 7.07 14.31 14.84
N GLU A 161 6.37 13.81 15.86
CA GLU A 161 4.92 14.04 15.95
C GLU A 161 4.61 15.52 16.12
N ALA A 162 5.37 16.21 16.99
CA ALA A 162 5.12 17.63 17.24
C ALA A 162 5.32 18.47 15.98
N LEU A 163 6.34 18.12 15.19
CA LEU A 163 6.59 18.88 13.96
C LEU A 163 5.49 18.64 12.93
N TYR A 164 5.02 17.39 12.81
CA TYR A 164 3.95 17.09 11.87
C TYR A 164 2.66 17.79 12.27
N LEU A 165 2.30 17.70 13.55
CA LEU A 165 1.07 18.34 14.02
C LEU A 165 1.16 19.86 13.97
N SER A 166 2.37 20.42 13.97
CA SER A 166 2.54 21.86 13.94
C SER A 166 1.92 22.49 12.71
N ASN A 167 1.93 21.79 11.58
CA ASN A 167 1.31 22.28 10.37
C ASN A 167 -0.21 22.14 10.37
N ILE A 168 -0.77 21.39 11.32
CA ILE A 168 -2.20 21.10 11.38
C ILE A 168 -2.87 21.86 12.51
N ALA A 169 -2.36 21.70 13.72
CA ALA A 169 -3.02 22.24 14.91
C ALA A 169 -2.73 23.73 15.07
N ALA A 170 -3.61 24.40 15.81
CA ALA A 170 -3.36 25.79 16.17
C ALA A 170 -2.19 25.91 17.13
N GLU A 171 -2.14 25.04 18.14
CA GLU A 171 -1.04 25.01 19.09
C GLU A 171 -0.68 23.55 19.38
N VAL A 172 0.61 23.27 19.44
CA VAL A 172 1.12 21.96 19.84
C VAL A 172 1.85 22.14 21.17
N HIS A 173 1.37 21.46 22.20
CA HIS A 173 1.95 21.53 23.54
C HIS A 173 2.74 20.24 23.77
N LEU A 174 4.07 20.38 23.85
CA LEU A 174 4.97 19.24 23.92
C LEU A 174 5.36 19.00 25.37
N ILE A 175 4.97 17.85 25.91
CA ILE A 175 5.14 17.53 27.32
C ILE A 175 6.33 16.58 27.47
N HIS A 176 7.28 16.93 28.33
CA HIS A 176 8.44 16.08 28.61
C HIS A 176 8.70 16.01 30.11
N ARG A 177 9.19 14.84 30.53
CA ARG A 177 9.42 14.53 31.93
C ARG A 177 10.65 15.21 32.51
N ARG A 178 11.62 15.58 31.67
CA ARG A 178 12.78 16.33 32.14
C ARG A 178 12.88 17.59 31.30
N ASP A 179 14.08 18.15 31.19
CA ASP A 179 14.26 19.49 30.63
C ASP A 179 15.00 19.52 29.30
N SER A 180 15.18 18.37 28.64
CA SER A 180 15.82 18.37 27.34
C SER A 180 15.27 17.25 26.47
N PHE A 181 15.12 17.54 25.19
CA PHE A 181 14.66 16.57 24.20
C PHE A 181 15.85 16.02 23.42
N ARG A 182 15.83 14.72 23.18
CA ARG A 182 16.88 14.03 22.42
C ARG A 182 16.31 13.60 21.09
N ALA A 183 16.81 14.21 20.01
CA ALA A 183 16.33 13.91 18.67
C ALA A 183 17.42 14.22 17.66
N GLU A 184 17.18 13.85 16.41
CA GLU A 184 18.13 14.10 15.34
C GLU A 184 18.41 15.59 15.21
N LYS A 185 19.57 15.92 14.64
CA LYS A 185 20.05 17.29 14.64
C LYS A 185 19.07 18.24 13.95
N ILE A 186 18.64 17.89 12.72
CA ILE A 186 17.80 18.81 11.98
C ILE A 186 16.43 18.95 12.62
N LEU A 187 15.95 17.92 13.32
CA LEU A 187 14.64 17.99 13.96
C LEU A 187 14.66 18.94 15.14
N ILE A 188 15.71 18.88 15.97
CA ILE A 188 15.87 19.84 17.06
C ILE A 188 15.92 21.25 16.51
N ASN A 189 16.57 21.44 15.37
CA ASN A 189 16.67 22.77 14.77
C ASN A 189 15.31 23.28 14.32
N ARG A 190 14.51 22.42 13.68
N ARG A 190 14.51 22.42 13.69
CA ARG A 190 13.14 22.79 13.32
CA ARG A 190 13.15 22.80 13.33
C ARG A 190 12.32 23.10 14.57
C ARG A 190 12.31 23.11 14.56
N LEU A 191 12.42 22.25 15.59
CA LEU A 191 11.66 22.45 16.81
C LEU A 191 12.03 23.76 17.48
N MET A 192 13.34 24.04 17.57
CA MET A 192 13.80 25.32 18.11
C MET A 192 13.14 26.49 17.41
N ASP A 193 13.10 26.46 16.07
CA ASP A 193 12.47 27.55 15.32
C ASP A 193 10.97 27.62 15.63
N LYS A 194 10.30 26.48 15.65
CA LYS A 194 8.86 26.46 15.91
C LYS A 194 8.55 26.88 17.34
N VAL A 195 9.47 26.64 18.27
CA VAL A 195 9.22 27.02 19.66
C VAL A 195 9.35 28.54 19.83
N GLN A 196 10.36 29.14 19.21
CA GLN A 196 10.59 30.57 19.33
C GLN A 196 9.74 31.41 18.38
N ASN A 197 9.38 30.88 17.22
CA ASN A 197 8.66 31.66 16.22
C ASN A 197 7.35 31.05 15.77
N GLY A 198 6.95 29.89 16.29
CA GLY A 198 5.79 29.19 15.80
C GLY A 198 4.85 28.78 16.92
N ASN A 199 4.09 27.73 16.66
CA ASN A 199 2.96 27.32 17.49
C ASN A 199 3.25 26.08 18.32
N ILE A 200 4.52 25.85 18.67
CA ILE A 200 4.90 24.75 19.54
C ILE A 200 5.30 25.33 20.89
N VAL A 201 4.63 24.89 21.96
CA VAL A 201 4.89 25.35 23.31
C VAL A 201 5.48 24.19 24.11
N LEU A 202 6.56 24.45 24.83
CA LEU A 202 7.25 23.43 25.59
C LEU A 202 6.74 23.37 27.02
N HIS A 203 6.61 22.15 27.54
CA HIS A 203 6.25 21.90 28.93
C HIS A 203 7.24 20.88 29.48
N THR A 204 8.35 21.38 30.01
CA THR A 204 9.40 20.55 30.57
C THR A 204 9.12 20.26 32.04
N ASP A 205 9.84 19.27 32.58
CA ASP A 205 9.72 18.86 33.98
C ASP A 205 8.28 18.53 34.34
N ARG A 206 7.52 18.02 33.37
CA ARG A 206 6.10 17.74 33.56
C ARG A 206 5.82 16.26 33.29
N VAL A 207 4.98 15.67 34.13
CA VAL A 207 4.47 14.32 33.94
C VAL A 207 2.96 14.42 33.71
N LEU A 208 2.45 13.53 32.87
CA LEU A 208 1.02 13.48 32.60
C LEU A 208 0.32 12.84 33.79
N ASP A 209 -0.45 13.64 34.54
CA ASP A 209 -1.13 13.12 35.71
C ASP A 209 -2.49 12.50 35.38
N GLU A 210 -3.22 13.05 34.43
CA GLU A 210 -4.52 12.52 34.06
C GLU A 210 -5.00 13.14 32.76
N VAL A 211 -5.65 12.32 31.93
CA VAL A 211 -6.34 12.81 30.74
C VAL A 211 -7.77 13.13 31.12
N LEU A 212 -8.20 14.36 30.82
CA LEU A 212 -9.53 14.83 31.17
C LEU A 212 -10.40 14.91 29.92
N GLY A 213 -11.68 14.64 30.09
CA GLY A 213 -12.61 14.74 28.97
C GLY A 213 -14.00 14.30 29.35
N ASP A 214 -14.81 14.06 28.32
CA ASP A 214 -16.19 13.63 28.47
C ASP A 214 -16.43 12.46 27.53
N GLU A 215 -17.70 12.08 27.36
CA GLU A 215 -18.05 10.99 26.46
C GLU A 215 -17.77 11.31 24.99
N MET A 216 -17.56 12.58 24.66
CA MET A 216 -17.24 12.97 23.29
C MET A 216 -15.75 12.86 22.99
N GLY A 217 -14.89 13.21 23.94
CA GLY A 217 -13.47 13.02 23.74
C GLY A 217 -12.65 13.77 24.78
N VAL A 218 -11.37 13.95 24.45
CA VAL A 218 -10.45 14.62 25.37
C VAL A 218 -10.71 16.12 25.35
N THR A 219 -10.72 16.73 26.54
CA THR A 219 -10.83 18.18 26.66
C THR A 219 -9.68 18.80 27.44
N GLY A 220 -8.78 18.02 28.02
CA GLY A 220 -7.67 18.59 28.76
C GLY A 220 -6.78 17.51 29.31
N VAL A 221 -5.60 17.93 29.75
CA VAL A 221 -4.67 17.08 30.48
C VAL A 221 -4.30 17.77 31.78
N ARG A 222 -4.06 16.99 32.82
CA ARG A 222 -3.50 17.50 34.06
C ARG A 222 -2.04 17.11 34.13
N LEU A 223 -1.18 18.09 34.32
CA LEU A 223 0.26 17.89 34.37
C LEU A 223 0.77 18.05 35.78
N LYS A 224 1.72 17.22 36.17
CA LYS A 224 2.36 17.30 37.47
C LYS A 224 3.81 17.72 37.31
N ASP A 225 4.24 18.65 38.17
CA ASP A 225 5.62 19.12 38.18
C ASP A 225 6.48 18.09 38.91
N VAL A 226 7.42 17.49 38.19
CA VAL A 226 8.30 16.48 38.79
C VAL A 226 9.23 17.05 39.83
N LYS A 227 9.38 18.38 39.89
CA LYS A 227 10.27 18.99 40.86
C LYS A 227 9.55 19.42 42.14
N THR A 228 8.27 19.76 42.05
CA THR A 228 7.52 20.28 43.19
C THR A 228 6.34 19.42 43.60
N GLY A 229 5.77 18.64 42.69
CA GLY A 229 4.57 17.88 42.97
C GLY A 229 3.28 18.62 42.71
N GLY A 230 3.34 19.90 42.35
CA GLY A 230 2.15 20.64 42.02
C GLY A 230 1.58 20.28 40.67
N THR A 231 0.33 20.66 40.45
CA THR A 231 -0.41 20.28 39.25
C THR A 231 -0.85 21.52 38.48
N GLU A 232 -1.13 21.31 37.20
CA GLU A 232 -1.71 22.33 36.33
C GLU A 232 -2.53 21.63 35.27
N GLU A 233 -3.41 22.40 34.62
CA GLU A 233 -4.28 21.88 33.58
C GLU A 233 -4.03 22.62 32.27
N LEU A 234 -4.04 21.87 31.18
CA LEU A 234 -3.98 22.41 29.83
C LEU A 234 -5.23 21.97 29.07
N ASP A 235 -5.93 22.93 28.47
CA ASP A 235 -7.06 22.62 27.63
C ASP A 235 -6.56 22.22 26.25
N VAL A 236 -6.83 20.98 25.85
CA VAL A 236 -6.43 20.46 24.54
C VAL A 236 -7.55 19.59 24.00
N MET A 237 -7.66 19.55 22.67
CA MET A 237 -8.67 18.71 22.03
C MET A 237 -8.22 17.27 21.87
N GLY A 238 -6.91 17.01 21.92
CA GLY A 238 -6.41 15.66 21.78
C GLY A 238 -5.05 15.54 22.42
N ALA A 239 -4.73 14.31 22.81
CA ALA A 239 -3.46 13.98 23.45
C ALA A 239 -2.78 12.87 22.66
N PHE A 240 -1.55 13.12 22.22
CA PHE A 240 -0.78 12.15 21.47
C PHE A 240 0.37 11.65 22.33
N ILE A 241 0.40 10.33 22.55
CA ILE A 241 1.44 9.68 23.35
C ILE A 241 2.49 9.17 22.36
N ALA A 242 3.69 9.76 22.41
CA ALA A 242 4.74 9.48 21.43
C ALA A 242 6.04 9.15 22.16
N ILE A 243 6.08 7.97 22.78
CA ILE A 243 7.22 7.56 23.58
C ILE A 243 7.88 6.30 23.04
N GLY A 244 7.63 5.95 21.79
CA GLY A 244 8.33 4.86 21.13
C GLY A 244 7.42 3.67 20.88
N HIS A 245 8.00 2.69 20.18
CA HIS A 245 7.30 1.48 19.80
C HIS A 245 8.08 0.26 20.27
N SER A 246 7.37 -0.87 20.36
CA SER A 246 7.96 -2.14 20.77
C SER A 246 7.69 -3.19 19.69
N PRO A 247 8.65 -3.47 18.82
CA PRO A 247 8.47 -4.58 17.88
C PRO A 247 8.26 -5.88 18.61
N ASN A 248 7.24 -6.63 18.20
CA ASN A 248 6.88 -7.89 18.85
C ASN A 248 7.67 -9.02 18.20
N THR A 249 8.99 -9.02 18.49
CA THR A 249 9.93 -9.91 17.83
C THR A 249 10.84 -10.62 18.82
N GLN A 250 10.44 -10.74 20.09
CA GLN A 250 11.34 -11.30 21.10
C GLN A 250 11.56 -12.78 20.88
N ILE A 251 10.61 -13.49 20.26
CA ILE A 251 10.72 -14.94 20.10
C ILE A 251 11.56 -15.34 18.89
N PHE A 252 11.84 -14.42 17.97
CA PHE A 252 12.69 -14.73 16.82
C PHE A 252 14.08 -14.09 16.93
N GLN A 253 14.48 -13.64 18.12
CA GLN A 253 15.63 -12.74 18.25
C GLN A 253 16.88 -13.33 17.61
N GLY A 254 17.37 -14.46 18.15
CA GLY A 254 18.59 -15.03 17.65
C GLY A 254 18.41 -15.94 16.44
N GLN A 255 17.34 -15.70 15.67
CA GLN A 255 17.01 -16.57 14.55
C GLN A 255 16.67 -15.85 13.26
N LEU A 256 16.44 -14.54 13.29
CA LEU A 256 16.23 -13.74 12.08
C LEU A 256 17.05 -12.47 12.20
N ASP A 257 17.54 -11.99 11.06
CA ASP A 257 18.26 -10.73 11.06
C ASP A 257 17.32 -9.59 11.41
N MET A 258 17.63 -8.89 12.50
CA MET A 258 16.80 -7.79 12.98
C MET A 258 17.65 -6.53 13.11
N LYS A 259 16.98 -5.45 13.46
CA LYS A 259 17.64 -4.14 13.59
C LYS A 259 16.76 -3.29 14.48
N ASP A 260 17.20 -3.07 15.73
CA ASP A 260 16.41 -2.38 16.75
C ASP A 260 15.09 -3.10 17.02
N GLY A 261 15.08 -4.43 16.83
CA GLY A 261 13.89 -5.22 17.04
C GLY A 261 13.04 -5.44 15.80
N TYR A 262 13.29 -4.72 14.72
CA TYR A 262 12.47 -4.83 13.52
C TYR A 262 13.02 -5.88 12.57
N ILE A 263 12.11 -6.63 11.95
CA ILE A 263 12.51 -7.68 11.02
C ILE A 263 13.09 -7.04 9.76
N LEU A 264 14.34 -7.39 9.46
CA LEU A 264 14.93 -6.97 8.19
C LEU A 264 14.35 -7.80 7.06
N VAL A 265 13.86 -7.11 6.03
CA VAL A 265 13.34 -7.77 4.84
C VAL A 265 14.13 -7.27 3.63
N LYS A 266 13.91 -7.95 2.50
CA LYS A 266 14.68 -7.66 1.30
C LYS A 266 14.36 -6.28 0.73
N SER A 267 13.08 -5.90 0.78
CA SER A 267 12.60 -4.65 0.17
C SER A 267 12.95 -4.70 -1.32
N GLY A 268 13.15 -3.54 -1.94
CA GLY A 268 13.57 -3.50 -3.33
C GLY A 268 12.42 -3.41 -4.30
N LEU A 269 12.80 -3.43 -5.58
CA LEU A 269 11.86 -3.23 -6.69
C LEU A 269 11.78 -4.42 -7.62
N GLU A 270 12.37 -5.56 -7.25
CA GLU A 270 12.41 -6.74 -8.11
C GLU A 270 11.58 -7.89 -7.54
N GLY A 271 10.57 -7.57 -6.74
CA GLY A 271 9.74 -8.59 -6.13
C GLY A 271 10.40 -9.26 -4.94
N ASN A 272 9.63 -10.13 -4.30
CA ASN A 272 10.08 -10.89 -3.13
C ASN A 272 10.56 -9.95 -2.03
N ALA A 273 9.88 -8.81 -1.89
CA ALA A 273 10.35 -7.73 -1.04
C ALA A 273 10.10 -7.97 0.44
N THR A 274 9.21 -8.89 0.79
CA THR A 274 8.94 -9.22 2.19
C THR A 274 9.79 -10.37 2.70
N GLN A 275 10.72 -10.86 1.88
CA GLN A 275 11.55 -12.00 2.28
C GLN A 275 12.47 -11.61 3.42
N THR A 276 12.48 -12.42 4.48
CA THR A 276 13.38 -12.21 5.61
C THR A 276 14.73 -12.89 5.30
N SER A 277 15.50 -13.22 6.33
CA SER A 277 16.76 -13.91 6.10
C SER A 277 16.52 -15.38 5.75
N VAL A 278 15.66 -16.04 6.51
CA VAL A 278 15.36 -17.44 6.26
C VAL A 278 14.39 -17.55 5.10
N GLU A 279 14.72 -18.39 4.12
CA GLU A 279 13.83 -18.61 2.99
C GLU A 279 12.52 -19.20 3.47
N GLY A 280 11.42 -18.76 2.85
CA GLY A 280 10.10 -19.21 3.24
C GLY A 280 9.51 -18.49 4.44
N ILE A 281 10.20 -17.50 4.99
CA ILE A 281 9.71 -16.72 6.12
C ILE A 281 9.62 -15.27 5.66
N PHE A 282 8.40 -14.72 5.70
CA PHE A 282 8.14 -13.38 5.20
C PHE A 282 7.59 -12.51 6.32
N ALA A 283 7.84 -11.22 6.22
CA ALA A 283 7.43 -10.27 7.25
C ALA A 283 6.69 -9.10 6.62
N ALA A 284 5.62 -8.68 7.27
CA ALA A 284 4.80 -7.59 6.76
C ALA A 284 4.25 -6.79 7.92
N GLY A 285 3.88 -5.54 7.62
CA GLY A 285 3.28 -4.68 8.62
C GLY A 285 4.29 -3.92 9.44
N ASP A 286 3.82 -3.43 10.60
CA ASP A 286 4.65 -2.62 11.47
C ASP A 286 5.88 -3.36 11.97
N VAL A 287 5.90 -4.69 11.90
CA VAL A 287 7.03 -5.47 12.38
C VAL A 287 8.29 -5.21 11.55
N MET A 288 8.13 -4.69 10.33
CA MET A 288 9.25 -4.36 9.46
C MET A 288 9.16 -2.92 8.93
N ASP A 289 8.42 -2.05 9.63
CA ASP A 289 8.16 -0.69 9.16
C ASP A 289 8.21 0.26 10.35
N HIS A 290 9.26 1.06 10.44
CA HIS A 290 9.38 2.10 11.46
C HIS A 290 9.37 3.49 10.83
N ASN A 291 8.66 3.64 9.72
CA ASN A 291 8.67 4.91 8.98
C ASN A 291 7.26 5.42 8.70
N TYR A 292 6.31 4.52 8.47
CA TYR A 292 4.97 4.92 8.04
C TYR A 292 3.89 4.47 9.01
N ARG A 293 3.82 3.17 9.32
CA ARG A 293 2.98 2.65 10.40
C ARG A 293 1.49 2.92 10.16
N GLN A 294 1.08 2.86 8.91
CA GLN A 294 -0.31 3.10 8.56
C GLN A 294 -1.02 1.77 8.29
N ALA A 295 -2.33 1.78 8.49
CA ALA A 295 -3.13 0.59 8.17
C ALA A 295 -3.01 0.23 6.69
N ILE A 296 -2.95 1.24 5.82
CA ILE A 296 -2.91 0.96 4.39
C ILE A 296 -1.53 0.48 3.97
N THR A 297 -0.47 0.95 4.63
CA THR A 297 0.87 0.44 4.30
C THR A 297 1.07 -0.96 4.85
N SER A 298 0.55 -1.24 6.04
CA SER A 298 0.57 -2.60 6.57
C SER A 298 -0.22 -3.54 5.68
N ALA A 299 -1.38 -3.09 5.19
CA ALA A 299 -2.17 -3.92 4.29
C ALA A 299 -1.44 -4.17 2.98
N GLY A 300 -0.74 -3.16 2.46
CA GLY A 300 0.01 -3.34 1.23
C GLY A 300 1.08 -4.42 1.35
N THR A 301 1.90 -4.33 2.39
CA THR A 301 2.95 -5.32 2.60
C THR A 301 2.37 -6.68 2.97
N GLY A 302 1.23 -6.69 3.67
CA GLY A 302 0.54 -7.95 3.90
C GLY A 302 0.15 -8.63 2.60
N CYS A 303 -0.32 -7.84 1.63
CA CYS A 303 -0.62 -8.39 0.31
C CYS A 303 0.66 -8.88 -0.37
N MET A 304 1.73 -8.09 -0.31
CA MET A 304 2.99 -8.50 -0.91
C MET A 304 3.51 -9.77 -0.26
N ALA A 305 3.38 -9.89 1.07
CA ALA A 305 3.85 -11.08 1.76
C ALA A 305 3.07 -12.32 1.32
N ALA A 306 1.77 -12.18 1.11
CA ALA A 306 0.97 -13.32 0.67
C ALA A 306 1.35 -13.76 -0.74
N LEU A 307 1.74 -12.82 -1.60
CA LEU A 307 2.16 -13.16 -2.95
C LEU A 307 3.57 -13.76 -2.96
N ASP A 308 4.49 -13.15 -2.21
CA ASP A 308 5.83 -13.72 -2.10
C ASP A 308 5.80 -15.13 -1.53
N ALA A 309 4.85 -15.42 -0.64
CA ALA A 309 4.70 -16.76 -0.10
C ALA A 309 4.08 -17.71 -1.12
N GLU A 310 3.16 -17.22 -1.95
CA GLU A 310 2.56 -18.09 -2.98
C GLU A 310 3.59 -18.49 -4.02
N ARG A 311 4.38 -17.54 -4.51
CA ARG A 311 5.40 -17.85 -5.51
C ARG A 311 6.49 -18.75 -4.93
N TYR A 312 6.78 -18.61 -3.63
CA TYR A 312 7.74 -19.50 -3.00
C TYR A 312 7.21 -20.92 -2.91
N LEU A 313 5.97 -21.08 -2.45
CA LEU A 313 5.40 -22.41 -2.28
C LEU A 313 5.20 -23.14 -3.61
N ASP A 314 5.12 -22.41 -4.73
CA ASP A 314 4.99 -23.02 -6.03
C ASP A 314 6.33 -23.41 -6.65
N SER A 315 7.41 -23.41 -5.86
CA SER A 315 8.73 -23.75 -6.36
C SER A 315 9.41 -24.77 -5.47
N MET B 4 0.62 31.35 -14.00
CA MET B 4 0.86 29.93 -13.76
C MET B 4 0.38 29.53 -12.37
N LYS B 5 -0.29 28.39 -12.28
CA LYS B 5 -0.86 27.92 -11.02
C LYS B 5 0.23 27.28 -10.17
N HIS B 6 0.43 27.80 -8.98
CA HIS B 6 1.43 27.26 -8.05
C HIS B 6 0.75 26.63 -6.84
N SER B 7 1.28 25.49 -6.42
CA SER B 7 0.82 24.80 -5.22
C SER B 7 2.02 24.08 -4.61
N LYS B 8 1.96 23.88 -3.29
CA LYS B 8 3.05 23.19 -2.60
C LYS B 8 3.21 21.76 -3.12
N LEU B 9 2.10 21.07 -3.36
CA LEU B 9 2.12 19.68 -3.77
C LEU B 9 1.23 19.46 -4.97
N LEU B 10 1.74 18.69 -5.94
CA LEU B 10 1.01 18.31 -7.13
C LEU B 10 0.98 16.79 -7.23
N ILE B 11 -0.22 16.24 -7.42
CA ILE B 11 -0.40 14.80 -7.61
C ILE B 11 -0.74 14.55 -9.07
N LEU B 12 -0.07 13.58 -9.68
CA LEU B 12 -0.27 13.22 -11.09
C LEU B 12 -0.81 11.79 -11.14
N GLY B 13 -2.11 11.67 -11.33
CA GLY B 13 -2.73 10.37 -11.44
C GLY B 13 -4.12 10.38 -10.83
N SER B 14 -4.82 9.26 -11.01
CA SER B 14 -6.19 9.12 -10.55
C SER B 14 -6.52 7.75 -9.97
N GLY B 15 -5.58 6.81 -9.95
CA GLY B 15 -5.84 5.49 -9.42
C GLY B 15 -5.82 5.46 -7.90
N PRO B 16 -5.77 4.26 -7.33
CA PRO B 16 -5.68 4.15 -5.87
C PRO B 16 -4.44 4.83 -5.29
N ALA B 17 -3.35 4.89 -6.05
CA ALA B 17 -2.12 5.50 -5.53
C ALA B 17 -2.27 7.01 -5.40
N GLY B 18 -2.79 7.67 -6.42
CA GLY B 18 -2.94 9.11 -6.41
C GLY B 18 -4.06 9.59 -5.48
N TYR B 19 -5.15 8.82 -5.44
CA TYR B 19 -6.26 9.16 -4.55
C TYR B 19 -5.87 9.04 -3.09
N THR B 20 -5.20 7.93 -2.74
CA THR B 20 -4.73 7.76 -1.37
C THR B 20 -3.71 8.82 -0.98
N ALA B 21 -2.83 9.18 -1.93
CA ALA B 21 -1.87 10.24 -1.66
C ALA B 21 -2.58 11.58 -1.42
N ALA B 22 -3.67 11.81 -2.14
CA ALA B 22 -4.41 13.07 -1.98
C ALA B 22 -5.05 13.16 -0.60
N VAL B 23 -5.60 12.06 -0.10
CA VAL B 23 -6.24 12.08 1.21
C VAL B 23 -5.23 12.34 2.30
N TYR B 24 -4.09 11.65 2.26
CA TYR B 24 -3.07 11.85 3.28
C TYR B 24 -2.45 13.24 3.18
N ALA B 25 -2.23 13.73 1.97
CA ALA B 25 -1.72 15.08 1.78
C ALA B 25 -2.70 16.12 2.33
N ALA B 26 -4.00 15.91 2.08
CA ALA B 26 -5.01 16.82 2.62
C ALA B 26 -5.07 16.72 4.13
N ARG B 27 -4.93 15.52 4.68
CA ARG B 27 -4.92 15.35 6.13
C ARG B 27 -3.66 15.92 6.76
N ALA B 28 -2.57 16.05 5.99
CA ALA B 28 -1.39 16.75 6.45
C ALA B 28 -1.48 18.26 6.25
N ASN B 29 -2.62 18.77 5.77
CA ASN B 29 -2.84 20.20 5.57
C ASN B 29 -1.87 20.78 4.54
N LEU B 30 -1.74 20.09 3.41
CA LEU B 30 -0.88 20.54 2.33
C LEU B 30 -1.64 21.13 1.16
N ASN B 31 -2.97 21.12 1.21
CA ASN B 31 -3.83 21.59 0.12
C ASN B 31 -3.39 21.00 -1.22
N PRO B 32 -3.50 19.68 -1.39
CA PRO B 32 -2.96 19.05 -2.60
C PRO B 32 -3.80 19.36 -3.82
N VAL B 33 -3.12 19.52 -4.96
CA VAL B 33 -3.74 19.63 -6.26
C VAL B 33 -3.50 18.32 -7.01
N LEU B 34 -4.57 17.73 -7.52
CA LEU B 34 -4.49 16.47 -8.25
C LEU B 34 -4.94 16.68 -9.69
N ILE B 35 -4.09 16.33 -10.64
CA ILE B 35 -4.40 16.37 -12.05
C ILE B 35 -4.74 14.96 -12.50
N THR B 36 -5.93 14.78 -13.06
CA THR B 36 -6.40 13.48 -13.50
C THR B 36 -6.70 13.51 -15.00
N GLY B 37 -6.47 12.39 -15.66
CA GLY B 37 -6.71 12.26 -17.08
C GLY B 37 -7.82 11.28 -17.41
N ARG B 75 -15.53 15.36 0.79
CA ARG B 75 -14.13 14.94 0.87
C ARG B 75 -13.22 16.15 1.13
N PHE B 76 -11.96 15.87 1.41
CA PHE B 76 -11.04 16.86 1.94
C PHE B 76 -10.69 17.91 0.90
N GLU B 77 -9.94 18.93 1.35
CA GLU B 77 -9.54 20.05 0.52
C GLU B 77 -8.66 19.60 -0.64
N THR B 78 -9.26 18.92 -1.61
CA THR B 78 -8.53 18.39 -2.76
C THR B 78 -9.06 19.04 -4.02
N GLU B 79 -8.21 19.79 -4.71
CA GLU B 79 -8.56 20.39 -5.99
C GLU B 79 -8.25 19.37 -7.08
N ILE B 80 -9.29 18.75 -7.62
CA ILE B 80 -9.16 17.76 -8.68
C ILE B 80 -9.41 18.46 -10.00
N ILE B 81 -8.36 18.52 -10.84
CA ILE B 81 -8.40 19.24 -12.10
C ILE B 81 -8.30 18.24 -13.24
N PHE B 82 -9.22 18.32 -14.18
CA PHE B 82 -9.16 17.52 -15.40
C PHE B 82 -8.23 18.18 -16.40
N ASP B 83 -7.12 17.51 -16.72
CA ASP B 83 -6.14 18.06 -17.65
C ASP B 83 -5.16 16.97 -18.04
N HIS B 84 -4.60 17.09 -19.24
CA HIS B 84 -3.53 16.23 -19.71
C HIS B 84 -2.24 17.04 -19.81
N ILE B 85 -1.15 16.46 -19.32
CA ILE B 85 0.14 17.15 -19.23
C ILE B 85 1.05 16.62 -20.32
N ASN B 86 1.65 17.55 -21.08
CA ASN B 86 2.46 17.22 -22.25
C ASN B 86 3.95 17.35 -22.03
N GLU B 87 4.40 18.40 -21.35
CA GLU B 87 5.82 18.62 -21.10
C GLU B 87 6.05 18.98 -19.65
N VAL B 88 7.12 18.44 -19.08
CA VAL B 88 7.52 18.74 -17.71
C VAL B 88 8.99 19.14 -17.70
N ASP B 89 9.35 19.99 -16.75
CA ASP B 89 10.73 20.43 -16.57
C ASP B 89 11.08 20.24 -15.10
N PHE B 90 11.96 19.28 -14.81
CA PHE B 90 12.39 18.99 -13.45
C PHE B 90 13.75 19.59 -13.14
N SER B 91 14.38 20.28 -14.10
CA SER B 91 15.69 20.88 -13.87
C SER B 91 15.60 22.12 -13.00
N THR B 92 14.46 22.80 -12.98
CA THR B 92 14.28 24.01 -12.21
C THR B 92 13.48 23.70 -10.93
N ARG B 93 13.85 24.38 -9.83
CA ARG B 93 13.38 23.98 -8.50
C ARG B 93 12.02 24.55 -8.11
N PRO B 94 11.26 25.16 -9.02
CA PRO B 94 9.80 25.07 -8.89
C PRO B 94 9.20 24.32 -10.07
N PHE B 95 9.22 22.98 -9.99
CA PHE B 95 8.85 22.08 -11.08
C PHE B 95 7.69 22.60 -11.92
N VAL B 96 7.90 22.74 -13.22
CA VAL B 96 6.89 23.29 -14.13
C VAL B 96 6.34 22.14 -14.97
N LEU B 97 5.05 21.88 -14.82
CA LEU B 97 4.34 20.93 -15.66
C LEU B 97 3.41 21.70 -16.59
N LYS B 98 3.51 21.42 -17.88
CA LYS B 98 2.72 22.12 -18.90
C LYS B 98 1.60 21.20 -19.37
N GLY B 99 0.36 21.66 -19.21
CA GLY B 99 -0.81 20.92 -19.64
C GLY B 99 -1.56 21.70 -20.72
N ASP B 100 -2.59 21.04 -21.27
CA ASP B 100 -3.39 21.67 -22.32
C ASP B 100 -4.15 22.87 -21.78
N ALA B 101 -4.73 22.74 -20.57
CA ALA B 101 -5.55 23.82 -20.03
C ALA B 101 -4.71 24.94 -19.45
N ALA B 102 -3.66 24.61 -18.69
CA ALA B 102 -2.85 25.62 -18.02
C ALA B 102 -1.47 25.04 -17.73
N SER B 103 -0.63 25.86 -17.11
CA SER B 103 0.69 25.47 -16.66
C SER B 103 0.71 25.42 -15.14
N TYR B 104 1.40 24.42 -14.58
CA TYR B 104 1.39 24.17 -13.15
C TYR B 104 2.79 24.19 -12.58
N SER B 105 2.94 24.79 -11.40
CA SER B 105 4.20 24.85 -10.68
C SER B 105 4.03 24.26 -9.29
N CYS B 106 5.04 23.52 -8.83
CA CYS B 106 4.94 22.84 -7.54
C CYS B 106 6.32 22.72 -6.92
N ASP B 107 6.34 22.74 -5.58
CA ASP B 107 7.58 22.49 -4.84
C ASP B 107 7.83 21.01 -4.66
N ALA B 108 6.76 20.20 -4.66
CA ALA B 108 6.86 18.76 -4.56
C ALA B 108 5.88 18.13 -5.54
N LEU B 109 6.25 16.96 -6.06
CA LEU B 109 5.44 16.28 -7.07
C LEU B 109 5.37 14.80 -6.75
N ILE B 110 4.16 14.25 -6.82
CA ILE B 110 3.94 12.81 -6.68
C ILE B 110 3.40 12.31 -8.02
N ILE B 111 4.10 11.35 -8.62
CA ILE B 111 3.72 10.77 -9.90
C ILE B 111 3.07 9.42 -9.64
N SER B 112 1.82 9.27 -10.08
CA SER B 112 1.10 8.01 -9.97
C SER B 112 0.19 7.87 -11.18
N THR B 113 0.76 8.00 -12.38
CA THR B 113 0.01 8.00 -13.62
C THR B 113 -0.39 6.59 -14.08
N GLY B 114 -0.14 5.57 -13.26
CA GLY B 114 -0.57 4.23 -13.57
C GLY B 114 0.12 3.63 -14.79
N ALA B 115 -0.40 2.48 -15.21
CA ALA B 115 0.09 1.75 -16.37
C ALA B 115 -1.07 1.44 -17.29
N SER B 116 -0.94 1.83 -18.56
CA SER B 116 -1.99 1.61 -19.54
C SER B 116 -1.84 0.26 -20.22
N ALA B 117 -2.94 -0.21 -20.79
CA ALA B 117 -2.96 -1.51 -21.46
C ALA B 117 -2.35 -1.39 -22.85
N LYS B 118 -1.42 -2.31 -23.15
CA LYS B 118 -0.81 -2.33 -24.47
C LYS B 118 -1.80 -2.81 -25.52
N TYR B 119 -1.73 -2.21 -26.70
CA TYR B 119 -2.55 -2.61 -27.83
C TYR B 119 -1.66 -2.93 -29.02
N LEU B 120 -2.29 -3.41 -30.09
CA LEU B 120 -1.55 -3.83 -31.28
C LEU B 120 -1.40 -2.71 -32.30
N GLY B 121 -2.45 -1.91 -32.49
CA GLY B 121 -2.41 -0.83 -33.45
C GLY B 121 -3.20 -1.05 -34.72
N LEU B 122 -3.97 -2.14 -34.80
CA LEU B 122 -4.75 -2.42 -35.99
C LEU B 122 -5.86 -1.38 -36.16
N GLU B 123 -6.35 -1.27 -37.40
CA GLU B 123 -7.47 -0.38 -37.67
C GLU B 123 -8.78 -0.95 -37.15
N SER B 124 -8.99 -2.26 -37.35
CA SER B 124 -10.20 -2.89 -36.85
C SER B 124 -10.18 -3.02 -35.33
N GLU B 125 -9.01 -3.26 -34.75
CA GLU B 125 -8.87 -3.22 -33.31
C GLU B 125 -9.28 -1.87 -32.76
N GLU B 126 -8.79 -0.78 -33.39
CA GLU B 126 -9.21 0.55 -33.00
C GLU B 126 -10.70 0.77 -33.25
N ALA B 127 -11.22 0.21 -34.35
CA ALA B 127 -12.60 0.46 -34.72
C ALA B 127 -13.57 -0.20 -33.73
N PHE B 128 -13.31 -1.44 -33.34
CA PHE B 128 -14.21 -2.19 -32.48
C PHE B 128 -13.86 -2.06 -31.00
N LYS B 129 -13.02 -1.09 -30.63
CA LYS B 129 -12.74 -0.82 -29.23
C LYS B 129 -14.03 -0.44 -28.50
N GLY B 130 -14.30 -1.11 -27.38
CA GLY B 130 -15.52 -0.88 -26.65
C GLY B 130 -16.77 -1.47 -27.29
N ARG B 131 -16.66 -2.02 -28.49
CA ARG B 131 -17.77 -2.67 -29.18
C ARG B 131 -17.43 -4.13 -29.47
N GLY B 132 -16.72 -4.75 -28.54
CA GLY B 132 -16.29 -6.12 -28.72
C GLY B 132 -14.82 -6.32 -28.40
N VAL B 133 -14.08 -5.21 -28.28
CA VAL B 133 -12.67 -5.23 -27.95
C VAL B 133 -12.48 -4.56 -26.60
N SER B 134 -11.70 -5.18 -25.73
CA SER B 134 -11.47 -4.65 -24.39
C SER B 134 -10.13 -5.16 -23.88
N ALA B 135 -9.69 -4.58 -22.76
CA ALA B 135 -8.50 -5.04 -22.06
C ALA B 135 -8.78 -5.46 -20.63
N CYS B 136 -9.96 -5.18 -20.10
CA CYS B 136 -10.38 -5.60 -18.76
C CYS B 136 -11.40 -6.73 -18.92
N ALA B 137 -10.97 -7.96 -18.64
CA ALA B 137 -11.88 -9.10 -18.75
C ALA B 137 -12.92 -9.07 -17.64
N THR B 138 -12.57 -8.55 -16.46
CA THR B 138 -13.52 -8.50 -15.36
C THR B 138 -14.64 -7.49 -15.63
N CYS B 139 -14.30 -6.38 -16.30
CA CYS B 139 -15.30 -5.34 -16.55
C CYS B 139 -16.37 -5.81 -17.52
N ASP B 140 -15.98 -6.59 -18.53
CA ASP B 140 -16.87 -6.95 -19.62
C ASP B 140 -17.14 -8.46 -19.71
N GLY B 141 -16.71 -9.24 -18.71
CA GLY B 141 -16.81 -10.69 -18.84
C GLY B 141 -18.24 -11.20 -18.83
N PHE B 142 -19.08 -10.64 -17.94
CA PHE B 142 -20.43 -11.17 -17.76
C PHE B 142 -21.28 -11.08 -19.02
N PHE B 143 -20.96 -10.16 -19.93
CA PHE B 143 -21.73 -10.02 -21.16
C PHE B 143 -21.60 -11.22 -22.08
N TYR B 144 -20.59 -12.06 -21.86
CA TYR B 144 -20.34 -13.22 -22.71
C TYR B 144 -20.64 -14.53 -21.97
N ARG B 145 -21.75 -14.57 -21.25
CA ARG B 145 -22.17 -15.80 -20.59
C ARG B 145 -22.60 -16.82 -21.63
N ASN B 146 -21.93 -17.97 -21.65
CA ASN B 146 -22.22 -19.05 -22.59
C ASN B 146 -22.04 -18.60 -24.05
N GLN B 147 -20.99 -17.82 -24.29
CA GLN B 147 -20.62 -17.39 -25.63
C GLN B 147 -19.12 -17.64 -25.85
N LYS B 148 -18.68 -17.47 -27.09
CA LYS B 148 -17.30 -17.72 -27.47
C LYS B 148 -16.53 -16.41 -27.54
N VAL B 149 -15.39 -16.36 -26.85
CA VAL B 149 -14.54 -15.18 -26.80
C VAL B 149 -13.09 -15.59 -27.05
N ALA B 150 -12.25 -14.59 -27.28
CA ALA B 150 -10.84 -14.81 -27.58
C ALA B 150 -9.99 -13.88 -26.73
N VAL B 151 -8.83 -14.37 -26.30
CA VAL B 151 -7.87 -13.60 -25.52
C VAL B 151 -6.52 -13.66 -26.22
N VAL B 152 -5.87 -12.50 -26.35
CA VAL B 152 -4.62 -12.38 -27.09
C VAL B 152 -3.51 -11.99 -26.11
N GLY B 153 -2.43 -12.74 -26.10
CA GLY B 153 -1.30 -12.46 -25.25
C GLY B 153 -0.60 -13.74 -24.82
N GLY B 154 0.66 -13.59 -24.43
CA GLY B 154 1.45 -14.74 -24.02
C GLY B 154 2.14 -14.56 -22.68
N GLY B 155 1.87 -13.43 -22.01
CA GLY B 155 2.44 -13.19 -20.71
C GLY B 155 1.65 -13.86 -19.60
N ASN B 156 2.15 -13.70 -18.37
CA ASN B 156 1.45 -14.25 -17.21
C ASN B 156 0.10 -13.59 -17.02
N THR B 157 -0.07 -12.35 -17.48
CA THR B 157 -1.33 -11.66 -17.34
C THR B 157 -2.39 -12.18 -18.31
N ALA B 158 -1.96 -12.55 -19.53
CA ALA B 158 -2.91 -13.02 -20.53
C ALA B 158 -3.57 -14.33 -20.11
N VAL B 159 -2.81 -15.22 -19.48
CA VAL B 159 -3.38 -16.47 -19.00
C VAL B 159 -4.41 -16.21 -17.90
N GLU B 160 -4.18 -15.18 -17.08
CA GLU B 160 -5.14 -14.83 -16.04
C GLU B 160 -6.48 -14.44 -16.63
N GLU B 161 -6.47 -13.65 -17.72
CA GLU B 161 -7.72 -13.29 -18.38
C GLU B 161 -8.40 -14.51 -18.98
N ALA B 162 -7.63 -15.48 -19.46
CA ALA B 162 -8.23 -16.67 -20.04
C ALA B 162 -8.82 -17.58 -18.97
N LEU B 163 -8.05 -17.84 -17.90
CA LEU B 163 -8.56 -18.69 -16.82
C LEU B 163 -9.75 -18.07 -16.12
N TYR B 164 -9.79 -16.74 -16.02
CA TYR B 164 -10.96 -16.08 -15.44
C TYR B 164 -12.17 -16.22 -16.35
N LEU B 165 -12.02 -15.88 -17.64
CA LEU B 165 -13.10 -16.03 -18.59
C LEU B 165 -13.44 -17.48 -18.89
N SER B 166 -12.58 -18.43 -18.49
CA SER B 166 -12.85 -19.84 -18.73
C SER B 166 -14.14 -20.26 -18.02
N ASN B 167 -14.34 -19.82 -16.79
CA ASN B 167 -15.53 -20.16 -16.02
C ASN B 167 -16.75 -19.34 -16.43
N ILE B 168 -16.56 -18.30 -17.23
CA ILE B 168 -17.64 -17.40 -17.59
C ILE B 168 -18.18 -17.72 -18.99
N ALA B 169 -17.30 -17.87 -19.97
CA ALA B 169 -17.69 -18.06 -21.35
C ALA B 169 -17.72 -19.55 -21.70
N ALA B 170 -18.40 -19.86 -22.81
CA ALA B 170 -18.45 -21.23 -23.29
C ALA B 170 -17.06 -21.72 -23.68
N GLU B 171 -16.37 -20.94 -24.51
CA GLU B 171 -15.01 -21.25 -24.94
C GLU B 171 -14.15 -20.00 -24.83
N VAL B 172 -12.87 -20.20 -24.54
CA VAL B 172 -11.88 -19.14 -24.51
C VAL B 172 -10.74 -19.53 -25.42
N HIS B 173 -10.46 -18.70 -26.42
CA HIS B 173 -9.39 -18.94 -27.38
C HIS B 173 -8.21 -18.04 -27.05
N LEU B 174 -7.08 -18.66 -26.69
CA LEU B 174 -5.89 -17.93 -26.26
C LEU B 174 -4.93 -17.85 -27.44
N ILE B 175 -4.68 -16.64 -27.92
CA ILE B 175 -3.87 -16.38 -29.10
C ILE B 175 -2.52 -15.85 -28.65
N HIS B 176 -1.44 -16.49 -29.08
CA HIS B 176 -0.10 -16.02 -28.79
C HIS B 176 0.77 -16.16 -30.03
N ARG B 177 1.80 -15.31 -30.09
CA ARG B 177 2.72 -15.30 -31.23
C ARG B 177 3.71 -16.45 -31.22
N ARG B 178 4.01 -17.02 -30.06
CA ARG B 178 4.99 -18.08 -29.93
C ARG B 178 4.32 -19.36 -29.46
N ASP B 179 5.07 -20.46 -29.53
CA ASP B 179 4.59 -21.77 -29.12
C ASP B 179 4.80 -22.05 -27.63
N SER B 180 5.27 -21.06 -26.87
CA SER B 180 5.53 -21.22 -25.45
C SER B 180 5.05 -19.99 -24.71
N PHE B 181 4.28 -20.21 -23.65
CA PHE B 181 3.76 -19.12 -22.82
C PHE B 181 4.79 -18.73 -21.76
N ARG B 182 5.03 -17.43 -21.64
CA ARG B 182 5.99 -16.91 -20.67
C ARG B 182 5.25 -16.53 -19.38
N ALA B 183 4.86 -17.57 -18.64
CA ALA B 183 4.15 -17.40 -17.38
C ALA B 183 4.86 -18.24 -16.32
N GLU B 184 4.17 -18.49 -15.22
CA GLU B 184 4.72 -19.27 -14.13
C GLU B 184 4.25 -20.73 -14.22
N LYS B 185 4.94 -21.59 -13.48
CA LYS B 185 4.76 -23.04 -13.64
C LYS B 185 3.32 -23.45 -13.32
N ILE B 186 2.74 -22.90 -12.26
CA ILE B 186 1.36 -23.23 -11.92
C ILE B 186 0.41 -22.77 -13.02
N LEU B 187 0.64 -21.57 -13.55
CA LEU B 187 -0.23 -21.03 -14.59
C LEU B 187 -0.27 -21.94 -15.81
N ILE B 188 0.88 -22.48 -16.20
CA ILE B 188 0.91 -23.39 -17.36
C ILE B 188 0.12 -24.65 -17.06
N ASN B 189 0.27 -25.21 -15.85
CA ASN B 189 -0.48 -26.39 -15.48
C ASN B 189 -1.97 -26.07 -15.31
N ARG B 190 -2.28 -24.91 -14.74
CA ARG B 190 -3.67 -24.44 -14.74
C ARG B 190 -4.20 -24.34 -16.17
N LEU B 191 -3.37 -23.80 -17.08
CA LEU B 191 -3.78 -23.71 -18.48
C LEU B 191 -3.84 -25.09 -19.12
N MET B 192 -2.84 -25.94 -18.85
CA MET B 192 -2.81 -27.27 -19.45
C MET B 192 -4.06 -28.06 -19.13
N ASP B 193 -4.42 -28.15 -17.85
CA ASP B 193 -5.63 -28.86 -17.46
C ASP B 193 -6.87 -28.21 -18.08
N LYS B 194 -6.92 -26.88 -18.08
CA LYS B 194 -8.04 -26.18 -18.69
C LYS B 194 -8.05 -26.33 -20.21
N VAL B 195 -6.88 -26.40 -20.83
CA VAL B 195 -6.82 -26.67 -22.27
C VAL B 195 -7.29 -28.09 -22.56
N GLN B 196 -6.87 -29.05 -21.73
CA GLN B 196 -7.20 -30.44 -21.95
C GLN B 196 -8.63 -30.76 -21.50
N ASN B 197 -8.82 -30.91 -20.19
CA ASN B 197 -10.12 -31.32 -19.65
C ASN B 197 -11.17 -30.20 -19.68
N GLY B 198 -10.76 -28.96 -19.95
CA GLY B 198 -11.69 -27.85 -19.89
C GLY B 198 -12.05 -27.26 -21.25
N ASN B 199 -12.37 -25.96 -21.27
CA ASN B 199 -12.89 -25.30 -22.46
C ASN B 199 -11.93 -24.26 -23.02
N ILE B 200 -10.67 -24.25 -22.57
CA ILE B 200 -9.68 -23.35 -23.12
C ILE B 200 -9.10 -23.96 -24.39
N VAL B 201 -9.08 -23.17 -25.48
CA VAL B 201 -8.57 -23.61 -26.76
C VAL B 201 -7.28 -22.86 -27.06
N LEU B 202 -6.26 -23.58 -27.50
CA LEU B 202 -4.97 -22.98 -27.80
C LEU B 202 -4.87 -22.57 -29.27
N HIS B 203 -4.08 -21.52 -29.51
CA HIS B 203 -3.81 -21.00 -30.85
C HIS B 203 -2.39 -20.43 -30.84
N THR B 204 -1.40 -21.32 -30.76
CA THR B 204 -0.01 -20.89 -30.72
C THR B 204 0.45 -20.43 -32.10
N ASP B 205 1.47 -19.56 -32.10
CA ASP B 205 2.07 -19.04 -33.32
C ASP B 205 1.02 -18.37 -34.21
N ARG B 206 0.28 -17.44 -33.64
CA ARG B 206 -0.81 -16.77 -34.34
C ARG B 206 -0.78 -15.28 -34.02
N VAL B 207 -0.71 -14.45 -35.05
CA VAL B 207 -0.86 -13.00 -34.91
C VAL B 207 -2.28 -12.62 -35.31
N LEU B 208 -2.94 -11.85 -34.46
CA LEU B 208 -4.28 -11.33 -34.78
C LEU B 208 -4.18 -10.40 -35.97
N ASP B 209 -4.73 -10.81 -37.11
CA ASP B 209 -4.61 -10.03 -38.33
C ASP B 209 -5.68 -8.96 -38.44
N GLU B 210 -6.94 -9.31 -38.18
CA GLU B 210 -8.03 -8.34 -38.29
C GLU B 210 -9.18 -8.78 -37.41
N VAL B 211 -9.90 -7.78 -36.88
CA VAL B 211 -11.10 -8.01 -36.09
C VAL B 211 -12.30 -7.80 -37.00
N LEU B 212 -13.16 -8.81 -37.10
CA LEU B 212 -14.31 -8.76 -38.00
C LEU B 212 -15.58 -8.48 -37.21
N GLY B 213 -16.60 -8.04 -37.92
CA GLY B 213 -17.89 -7.75 -37.29
C GLY B 213 -18.71 -6.81 -38.14
N ASP B 214 -19.90 -6.51 -37.62
CA ASP B 214 -20.87 -5.66 -38.29
C ASP B 214 -21.06 -4.37 -37.50
N GLU B 215 -22.22 -3.73 -37.68
CA GLU B 215 -22.49 -2.47 -37.00
C GLU B 215 -22.69 -2.67 -35.50
N MET B 216 -23.25 -3.82 -35.11
CA MET B 216 -23.45 -4.09 -33.68
C MET B 216 -22.12 -4.25 -32.96
N GLY B 217 -21.32 -5.24 -33.38
CA GLY B 217 -20.04 -5.47 -32.75
C GLY B 217 -19.22 -6.57 -33.39
N VAL B 218 -18.36 -7.21 -32.60
CA VAL B 218 -17.44 -8.22 -33.11
C VAL B 218 -18.21 -9.52 -33.33
N THR B 219 -17.98 -10.14 -34.49
CA THR B 219 -18.50 -11.48 -34.77
C THR B 219 -17.42 -12.49 -35.10
N GLY B 220 -16.17 -12.07 -35.21
CA GLY B 220 -15.09 -13.00 -35.49
C GLY B 220 -13.78 -12.27 -35.58
N VAL B 221 -12.70 -13.06 -35.53
CA VAL B 221 -11.34 -12.55 -35.65
C VAL B 221 -10.60 -13.39 -36.68
N ARG B 222 -9.71 -12.74 -37.42
CA ARG B 222 -8.86 -13.43 -38.39
C ARG B 222 -7.47 -13.60 -37.80
N LEU B 223 -7.06 -14.86 -37.63
CA LEU B 223 -5.72 -15.18 -37.20
C LEU B 223 -4.83 -15.43 -38.42
N LYS B 224 -3.54 -15.16 -38.26
CA LYS B 224 -2.56 -15.38 -39.31
C LYS B 224 -1.43 -16.23 -38.78
N ASP B 225 -1.12 -17.32 -39.49
CA ASP B 225 0.00 -18.17 -39.11
C ASP B 225 1.30 -17.39 -39.26
N VAL B 226 2.08 -17.32 -38.19
CA VAL B 226 3.35 -16.60 -38.24
C VAL B 226 4.38 -17.34 -39.07
N LYS B 227 4.17 -18.65 -39.30
CA LYS B 227 5.09 -19.45 -40.10
C LYS B 227 4.71 -19.42 -41.57
N THR B 228 3.50 -19.89 -41.89
CA THR B 228 3.09 -20.01 -43.28
C THR B 228 2.60 -18.69 -43.86
N GLY B 229 2.07 -17.81 -43.01
CA GLY B 229 1.41 -16.60 -43.48
C GLY B 229 -0.06 -16.77 -43.81
N GLY B 230 -0.57 -17.99 -43.79
CA GLY B 230 -1.96 -18.22 -44.10
C GLY B 230 -2.89 -17.83 -42.96
N THR B 231 -4.14 -17.57 -43.32
CA THR B 231 -5.13 -17.08 -42.38
C THR B 231 -6.07 -18.21 -41.92
N GLU B 232 -6.82 -17.91 -40.87
CA GLU B 232 -7.70 -18.89 -40.22
C GLU B 232 -8.71 -18.11 -39.39
N GLU B 233 -9.99 -18.30 -39.67
CA GLU B 233 -11.05 -17.51 -39.04
C GLU B 233 -11.62 -18.21 -37.82
N LEU B 234 -11.93 -17.41 -36.80
CA LEU B 234 -12.57 -17.87 -35.57
C LEU B 234 -13.80 -17.02 -35.31
N ASP B 235 -14.94 -17.68 -35.12
CA ASP B 235 -16.19 -16.98 -34.86
C ASP B 235 -16.35 -16.79 -33.36
N VAL B 236 -16.10 -15.57 -32.88
CA VAL B 236 -16.21 -15.22 -31.47
C VAL B 236 -17.04 -13.95 -31.33
N MET B 237 -17.65 -13.79 -30.15
CA MET B 237 -18.45 -12.60 -29.88
C MET B 237 -17.65 -11.47 -29.25
N GLY B 238 -16.51 -11.76 -28.65
CA GLY B 238 -15.70 -10.73 -28.02
C GLY B 238 -14.23 -11.04 -28.14
N ALA B 239 -13.42 -9.98 -28.03
CA ALA B 239 -11.98 -10.10 -28.15
C ALA B 239 -11.32 -9.28 -27.04
N PHE B 240 -10.41 -9.92 -26.30
CA PHE B 240 -9.71 -9.28 -25.19
C PHE B 240 -8.23 -9.27 -25.47
N ILE B 241 -7.65 -8.08 -25.58
CA ILE B 241 -6.24 -7.90 -25.86
C ILE B 241 -5.52 -7.70 -24.52
N ALA B 242 -4.79 -8.72 -24.08
CA ALA B 242 -4.06 -8.68 -22.81
C ALA B 242 -2.60 -9.07 -23.05
N ILE B 243 -1.89 -8.23 -23.80
CA ILE B 243 -0.52 -8.54 -24.18
C ILE B 243 0.51 -8.00 -23.20
N GLY B 244 0.15 -7.02 -22.38
CA GLY B 244 1.09 -6.45 -21.44
C GLY B 244 0.68 -5.05 -21.05
N HIS B 245 1.45 -4.48 -20.12
CA HIS B 245 1.17 -3.17 -19.57
C HIS B 245 2.33 -2.22 -19.85
N SER B 246 2.00 -0.96 -20.11
CA SER B 246 2.99 0.06 -20.42
C SER B 246 2.90 1.18 -19.38
N PRO B 247 3.97 1.47 -18.64
CA PRO B 247 3.92 2.59 -17.69
C PRO B 247 3.83 3.92 -18.43
N ASN B 248 3.02 4.82 -17.88
CA ASN B 248 2.79 6.14 -18.49
C ASN B 248 3.86 7.11 -18.00
N THR B 249 5.10 6.84 -18.40
CA THR B 249 6.26 7.61 -17.95
C THR B 249 6.98 8.31 -19.10
N GLN B 250 6.40 8.32 -20.30
CA GLN B 250 7.10 8.87 -21.46
C GLN B 250 7.44 10.34 -21.27
N ILE B 251 6.63 11.08 -20.51
CA ILE B 251 6.82 12.52 -20.37
C ILE B 251 8.06 12.85 -19.55
N PHE B 252 8.55 11.90 -18.74
CA PHE B 252 9.69 12.14 -17.86
C PHE B 252 10.96 11.44 -18.34
N GLN B 253 11.06 11.13 -19.64
CA GLN B 253 12.09 10.22 -20.14
C GLN B 253 13.49 10.61 -19.66
N GLY B 254 13.94 11.80 -20.01
CA GLY B 254 15.31 12.19 -19.72
C GLY B 254 15.55 12.88 -18.40
N GLN B 255 14.53 13.00 -17.55
N GLN B 255 14.52 13.02 -17.56
CA GLN B 255 14.65 13.74 -16.30
CA GLN B 255 14.64 13.75 -16.30
C GLN B 255 14.54 12.87 -15.05
C GLN B 255 14.59 12.84 -15.07
N LEU B 256 14.09 11.62 -15.18
CA LEU B 256 13.97 10.71 -14.06
C LEU B 256 14.66 9.39 -14.42
N ASP B 257 15.51 8.91 -13.51
CA ASP B 257 16.15 7.62 -13.69
C ASP B 257 15.09 6.53 -13.74
N MET B 258 15.00 5.85 -14.88
CA MET B 258 14.02 4.81 -15.10
C MET B 258 14.72 3.49 -15.38
N LYS B 259 13.91 2.47 -15.65
CA LYS B 259 14.42 1.13 -15.96
C LYS B 259 13.30 0.35 -16.64
N ASP B 260 13.43 0.15 -17.95
CA ASP B 260 12.41 -0.51 -18.75
C ASP B 260 11.08 0.22 -18.69
N GLY B 261 11.11 1.54 -18.50
CA GLY B 261 9.91 2.34 -18.49
C GLY B 261 9.32 2.61 -17.12
N TYR B 262 9.85 2.00 -16.07
CA TYR B 262 9.33 2.19 -14.71
C TYR B 262 10.21 3.16 -13.94
N ILE B 263 9.57 4.07 -13.21
CA ILE B 263 10.30 5.06 -12.42
C ILE B 263 11.09 4.34 -11.34
N LEU B 264 12.41 4.55 -11.32
CA LEU B 264 13.23 4.03 -10.25
C LEU B 264 13.01 4.83 -8.98
N VAL B 265 12.92 4.12 -7.85
CA VAL B 265 12.50 4.70 -6.59
C VAL B 265 13.41 4.19 -5.49
N LYS B 266 13.62 5.03 -4.47
CA LYS B 266 14.61 4.72 -3.45
C LYS B 266 14.31 3.41 -2.74
N SER B 267 13.04 3.18 -2.39
CA SER B 267 12.62 1.99 -1.66
C SER B 267 13.39 1.88 -0.34
N GLY B 268 13.45 0.69 0.22
CA GLY B 268 14.22 0.46 1.42
C GLY B 268 13.38 0.44 2.68
N LEU B 269 14.09 0.42 3.81
CA LEU B 269 13.47 0.30 5.13
C LEU B 269 13.79 1.47 6.05
N GLU B 270 14.38 2.55 5.52
CA GLU B 270 14.74 3.70 6.32
C GLU B 270 13.95 4.94 5.94
N GLY B 271 12.77 4.77 5.35
CA GLY B 271 11.94 5.89 4.98
C GLY B 271 12.34 6.49 3.64
N ASN B 272 11.57 7.51 3.24
CA ASN B 272 11.77 8.20 1.96
C ASN B 272 11.75 7.20 0.80
N ALA B 273 10.92 6.17 0.93
CA ALA B 273 11.00 5.03 0.04
C ALA B 273 10.58 5.36 -1.39
N THR B 274 9.65 6.31 -1.56
CA THR B 274 9.09 6.61 -2.87
C THR B 274 9.80 7.74 -3.59
N GLN B 275 10.96 8.18 -3.11
CA GLN B 275 11.66 9.27 -3.79
C GLN B 275 12.29 8.78 -5.09
N THR B 276 12.20 9.61 -6.12
CA THR B 276 12.83 9.32 -7.40
C THR B 276 14.29 9.75 -7.34
N SER B 277 14.94 9.83 -8.50
CA SER B 277 16.32 10.32 -8.56
C SER B 277 16.41 11.83 -8.39
N VAL B 278 15.30 12.55 -8.45
CA VAL B 278 15.27 13.99 -8.27
C VAL B 278 14.64 14.30 -6.91
N GLU B 279 15.34 15.08 -6.10
CA GLU B 279 14.82 15.47 -4.80
C GLU B 279 13.51 16.23 -4.96
N GLY B 280 12.52 15.84 -4.17
CA GLY B 280 11.21 16.48 -4.21
C GLY B 280 10.23 15.87 -5.18
N ILE B 281 10.62 14.84 -5.92
CA ILE B 281 9.72 14.14 -6.83
C ILE B 281 9.59 12.70 -6.34
N PHE B 282 8.35 12.21 -6.30
CA PHE B 282 8.05 10.89 -5.74
C PHE B 282 7.12 10.15 -6.68
N ALA B 283 7.29 8.83 -6.74
CA ALA B 283 6.47 7.98 -7.59
C ALA B 283 5.77 6.92 -6.75
N ALA B 284 4.55 6.58 -7.14
CA ALA B 284 3.76 5.60 -6.41
C ALA B 284 2.87 4.85 -7.39
N GLY B 285 2.57 3.60 -7.05
CA GLY B 285 1.63 2.81 -7.83
C GLY B 285 2.26 2.05 -8.98
N ASP B 286 1.50 1.91 -10.08
CA ASP B 286 1.93 1.07 -11.18
C ASP B 286 3.11 1.63 -11.95
N VAL B 287 3.43 2.93 -11.79
CA VAL B 287 4.56 3.51 -12.49
C VAL B 287 5.90 3.07 -11.91
N MET B 288 5.90 2.43 -10.74
CA MET B 288 7.13 1.99 -10.09
C MET B 288 7.05 0.57 -9.55
N ASP B 289 5.97 -0.16 -9.85
CA ASP B 289 5.76 -1.51 -9.33
C ASP B 289 5.41 -2.43 -10.48
N HIS B 290 6.36 -3.29 -10.86
CA HIS B 290 6.15 -4.27 -11.92
C HIS B 290 6.14 -5.70 -11.36
N ASN B 291 5.80 -5.86 -10.08
CA ASN B 291 5.80 -7.16 -9.43
C ASN B 291 4.54 -7.50 -8.66
N TYR B 292 3.72 -6.51 -8.30
CA TYR B 292 2.54 -6.80 -7.48
C TYR B 292 1.27 -6.28 -8.15
N ARG B 293 1.28 -5.02 -8.58
CA ARG B 293 0.22 -4.45 -9.41
C ARG B 293 -1.16 -4.60 -8.78
N GLN B 294 -1.24 -4.45 -7.46
CA GLN B 294 -2.49 -4.54 -6.75
C GLN B 294 -2.99 -3.16 -6.36
N ALA B 295 -4.31 -3.02 -6.24
CA ALA B 295 -4.89 -1.76 -5.79
C ALA B 295 -4.46 -1.45 -4.36
N ILE B 296 -4.47 -2.46 -3.49
CA ILE B 296 -4.09 -2.24 -2.10
C ILE B 296 -2.62 -1.90 -1.99
N THR B 297 -1.77 -2.45 -2.87
CA THR B 297 -0.36 -2.13 -2.84
C THR B 297 -0.11 -0.73 -3.43
N SER B 298 -0.85 -0.37 -4.47
CA SER B 298 -0.74 0.97 -5.03
C SER B 298 -1.23 2.01 -4.02
N ALA B 299 -2.30 1.70 -3.28
CA ALA B 299 -2.75 2.59 -2.23
C ALA B 299 -1.69 2.72 -1.14
N GLY B 300 -0.95 1.63 -0.87
CA GLY B 300 0.09 1.69 0.14
C GLY B 300 1.21 2.63 -0.23
N THR B 301 1.69 2.54 -1.48
CA THR B 301 2.76 3.43 -1.93
C THR B 301 2.28 4.86 -2.09
N GLY B 302 1.00 5.06 -2.40
CA GLY B 302 0.47 6.41 -2.43
C GLY B 302 0.52 7.09 -1.08
N CYS B 303 0.19 6.35 -0.02
CA CYS B 303 0.32 6.88 1.33
C CYS B 303 1.78 7.20 1.64
N MET B 304 2.69 6.30 1.29
CA MET B 304 4.11 6.55 1.50
C MET B 304 4.57 7.81 0.79
N ALA B 305 4.11 8.00 -0.45
CA ALA B 305 4.53 9.16 -1.23
C ALA B 305 4.09 10.47 -0.57
N ALA B 306 2.88 10.49 0.00
CA ALA B 306 2.38 11.70 0.63
C ALA B 306 3.16 12.04 1.90
N LEU B 307 3.47 11.02 2.70
CA LEU B 307 4.26 11.26 3.91
C LEU B 307 5.69 11.66 3.56
N ASP B 308 6.29 11.00 2.56
CA ASP B 308 7.59 11.42 2.05
C ASP B 308 7.55 12.89 1.60
N ALA B 309 6.50 13.25 0.85
CA ALA B 309 6.37 14.63 0.38
C ALA B 309 6.20 15.59 1.54
N GLU B 310 5.39 15.23 2.53
CA GLU B 310 5.21 16.09 3.69
C GLU B 310 6.53 16.30 4.42
N ARG B 311 7.35 15.25 4.52
CA ARG B 311 8.64 15.39 5.20
C ARG B 311 9.63 16.18 4.36
N TYR B 312 9.51 16.13 3.03
CA TYR B 312 10.37 16.95 2.19
C TYR B 312 9.99 18.42 2.28
N LEU B 313 8.69 18.71 2.15
CA LEU B 313 8.23 20.10 2.22
C LEU B 313 8.50 20.71 3.59
N ASP B 314 8.43 19.90 4.65
CA ASP B 314 8.71 20.41 5.99
C ASP B 314 10.19 20.62 6.24
N SER B 315 11.05 20.28 5.28
CA SER B 315 12.50 20.45 5.41
C SER B 315 13.03 21.63 4.61
N LEU B 316 12.16 22.38 3.94
CA LEU B 316 12.58 23.51 3.11
C LEU B 316 12.88 24.77 3.92
N ASN B 317 13.11 24.64 5.22
CA ASN B 317 13.46 25.79 6.05
C ASN B 317 14.53 25.41 7.07
P PO4 C . 0.14 -4.50 11.76
O1 PO4 C . 0.79 -5.41 12.77
O2 PO4 C . -0.87 -5.28 10.97
O3 PO4 C . 1.20 -3.96 10.82
O4 PO4 C . -0.53 -3.34 12.46
P PO4 D . -2.23 3.05 -9.92
O1 PO4 D . -0.75 3.31 -9.85
O2 PO4 D . -2.52 1.62 -9.54
O3 PO4 D . -2.71 3.29 -11.33
O4 PO4 D . -2.96 3.98 -8.97
#